data_4HP8
#
_entry.id   4HP8
#
_cell.length_a   93.022
_cell.length_b   93.022
_cell.length_c   109.285
_cell.angle_alpha   90.000
_cell.angle_beta   90.000
_cell.angle_gamma   90.000
#
_symmetry.space_group_name_H-M   'P 43 21 2'
#
loop_
_entity.id
_entity.type
_entity.pdbx_description
1 polymer '2-deoxy-D-gluconate 3-dehydrogenase'
2 non-polymer 'NADP NICOTINAMIDE-ADENINE-DINUCLEOTIDE PHOSPHATE'
3 non-polymer 'ACETATE ION'
4 water water
#
_entity_poly.entity_id   1
_entity_poly.type   'polypeptide(L)'
_entity_poly.pdbx_seq_one_letter_code
;MKNPFSLEGRKALVTGANTGLGQAIAVGLAAAGAEVVCAARRAPDETLDIIAKDGGNASALLIDFADPLAAKDSFTDAGF
DILVNNAGIIRRADSVEFSELDWDEVMDVNLKALFFTTQAFAKELLAKGRSGKVVNIASLLSFQGGIRVPSYTAAKHGVA
GLTKLLANEWAAKGINVNAIAPGYIETNNTEALRADAARNKAILERIPAGRWGHSEDIAGAAVFLSSAAADYVHGAILNV
DGGWLAR
;
_entity_poly.pdbx_strand_id   A,B
#
# COMPACT_ATOMS: atom_id res chain seq x y z
N ASN A 3 3.39 5.79 -18.21
CA ASN A 3 2.48 5.20 -17.23
C ASN A 3 3.29 4.57 -16.11
N PRO A 4 3.29 5.19 -14.91
CA PRO A 4 4.16 4.65 -13.86
C PRO A 4 3.68 3.30 -13.33
N PHE A 5 2.47 2.87 -13.69
CA PHE A 5 1.94 1.58 -13.27
C PHE A 5 2.12 0.52 -14.31
N SER A 6 2.74 0.80 -15.46
CA SER A 6 2.95 -0.21 -16.47
C SER A 6 4.03 -1.21 -16.11
N LEU A 7 3.82 -2.48 -16.45
CA LEU A 7 4.83 -3.50 -16.23
C LEU A 7 5.42 -3.99 -17.54
N GLU A 8 5.26 -3.22 -18.61
CA GLU A 8 5.88 -3.58 -19.90
C GLU A 8 7.37 -3.76 -19.73
N GLY A 9 7.88 -4.86 -20.28
CA GLY A 9 9.30 -5.16 -20.20
C GLY A 9 9.68 -6.05 -19.03
N ARG A 10 8.80 -6.18 -18.03
CA ARG A 10 9.05 -7.06 -16.88
C ARG A 10 8.57 -8.47 -17.19
N LYS A 11 9.15 -9.43 -16.46
CA LYS A 11 8.78 -10.84 -16.58
C LYS A 11 8.57 -11.40 -15.18
N ALA A 12 7.34 -11.87 -14.91
CA ALA A 12 6.95 -12.30 -13.58
C ALA A 12 6.79 -13.78 -13.45
N LEU A 13 7.16 -14.33 -12.31
CA LEU A 13 6.77 -15.68 -11.88
C LEU A 13 5.76 -15.52 -10.77
N VAL A 14 4.58 -16.10 -10.95
CA VAL A 14 3.50 -16.06 -9.93
C VAL A 14 3.27 -17.47 -9.47
N THR A 15 3.53 -17.79 -8.21
CA THR A 15 3.27 -19.16 -7.73
C THR A 15 1.81 -19.31 -7.27
N GLY A 16 1.30 -20.53 -7.27
CA GLY A 16 -0.11 -20.75 -7.00
C GLY A 16 -1.00 -20.09 -8.02
N ALA A 17 -0.62 -20.13 -9.29
CA ALA A 17 -1.25 -19.27 -10.29
C ALA A 17 -2.45 -19.88 -10.96
N ASN A 18 -2.77 -21.14 -10.64
CA ASN A 18 -3.90 -21.83 -11.27
C ASN A 18 -5.29 -21.42 -10.76
N THR A 19 -5.37 -20.80 -9.59
CA THR A 19 -6.68 -20.51 -9.00
C THR A 19 -6.54 -19.36 -8.02
N GLY A 20 -7.67 -18.87 -7.52
CA GLY A 20 -7.64 -17.99 -6.34
C GLY A 20 -6.87 -16.70 -6.58
N LEU A 21 -6.17 -16.30 -5.52
CA LEU A 21 -5.40 -15.04 -5.59
C LEU A 21 -4.31 -15.08 -6.62
N GLY A 22 -3.61 -16.22 -6.75
CA GLY A 22 -2.53 -16.29 -7.72
C GLY A 22 -3.05 -16.11 -9.14
N GLN A 23 -4.19 -16.72 -9.45
CA GLN A 23 -4.75 -16.52 -10.76
C GLN A 23 -5.07 -15.03 -11.00
N ALA A 24 -5.77 -14.40 -10.04
CA ALA A 24 -6.12 -13.01 -10.24
C ALA A 24 -4.89 -12.12 -10.38
N ILE A 25 -3.85 -12.41 -9.59
CA ILE A 25 -2.62 -11.63 -9.71
C ILE A 25 -1.95 -11.84 -11.06
N ALA A 26 -1.84 -13.10 -11.50
CA ALA A 26 -1.24 -13.35 -12.82
C ALA A 26 -2.01 -12.60 -13.92
N VAL A 27 -3.34 -12.65 -13.89
CA VAL A 27 -4.16 -11.96 -14.87
C VAL A 27 -3.89 -10.46 -14.79
N GLY A 28 -3.83 -9.88 -13.60
CA GLY A 28 -3.62 -8.46 -13.42
C GLY A 28 -2.22 -8.04 -13.88
N LEU A 29 -1.18 -8.83 -13.57
CA LEU A 29 0.15 -8.47 -14.03
C LEU A 29 0.22 -8.50 -15.56
N ALA A 30 -0.39 -9.51 -16.17
CA ALA A 30 -0.33 -9.62 -17.62
C ALA A 30 -1.09 -8.45 -18.25
N ALA A 31 -2.23 -8.05 -17.67
CA ALA A 31 -2.98 -6.90 -18.21
C ALA A 31 -2.17 -5.63 -18.11
N ALA A 32 -1.32 -5.51 -17.10
CA ALA A 32 -0.44 -4.36 -16.94
C ALA A 32 0.76 -4.42 -17.85
N GLY A 33 0.93 -5.50 -18.62
CA GLY A 33 1.98 -5.53 -19.62
C GLY A 33 3.12 -6.51 -19.32
N ALA A 34 3.14 -7.16 -18.15
CA ALA A 34 4.24 -8.10 -17.85
C ALA A 34 4.09 -9.36 -18.66
N GLU A 35 5.19 -10.01 -19.01
CA GLU A 35 5.13 -11.43 -19.40
C GLU A 35 4.95 -12.22 -18.11
N VAL A 36 4.02 -13.16 -18.03
CA VAL A 36 3.73 -13.87 -16.77
C VAL A 36 3.89 -15.34 -16.95
N VAL A 37 4.74 -15.96 -16.16
CA VAL A 37 4.83 -17.41 -16.04
C VAL A 37 4.02 -17.84 -14.84
N CYS A 38 3.03 -18.68 -15.09
CA CYS A 38 2.06 -19.09 -14.09
C CYS A 38 2.56 -20.40 -13.53
N ALA A 39 3.12 -20.33 -12.34
CA ALA A 39 3.65 -21.49 -11.66
C ALA A 39 2.60 -22.16 -10.82
N ALA A 40 2.52 -23.50 -10.87
CA ALA A 40 1.47 -24.22 -10.21
C ALA A 40 1.89 -25.67 -10.14
N ARG A 41 1.26 -26.45 -9.27
CA ARG A 41 1.56 -27.89 -9.26
C ARG A 41 0.66 -28.66 -10.20
N ARG A 42 -0.35 -28.00 -10.78
CA ARG A 42 -1.12 -28.61 -11.85
C ARG A 42 -1.31 -27.58 -12.93
N ALA A 43 -1.60 -28.02 -14.14
CA ALA A 43 -1.56 -27.09 -15.27
C ALA A 43 -2.54 -25.95 -15.05
N PRO A 44 -2.10 -24.71 -15.27
CA PRO A 44 -2.99 -23.56 -15.00
C PRO A 44 -3.82 -23.20 -16.22
N ASP A 45 -4.61 -24.20 -16.66
CA ASP A 45 -5.35 -24.11 -17.93
C ASP A 45 -6.24 -22.86 -17.97
N GLU A 46 -7.08 -22.71 -16.97
CA GLU A 46 -8.00 -21.59 -16.94
C GLU A 46 -7.26 -20.24 -16.89
N THR A 47 -6.20 -20.14 -16.05
CA THR A 47 -5.48 -18.87 -16.01
C THR A 47 -4.90 -18.51 -17.36
N LEU A 48 -4.29 -19.47 -18.04
CA LEU A 48 -3.72 -19.20 -19.35
C LEU A 48 -4.80 -18.84 -20.34
N ASP A 49 -5.96 -19.48 -20.27
CA ASP A 49 -7.07 -19.11 -21.16
C ASP A 49 -7.49 -17.67 -20.93
N ILE A 50 -7.63 -17.26 -19.68
CA ILE A 50 -8.04 -15.88 -19.41
C ILE A 50 -7.03 -14.87 -19.95
N ILE A 51 -5.74 -15.10 -19.71
CA ILE A 51 -4.74 -14.18 -20.19
C ILE A 51 -4.71 -14.14 -21.70
N ALA A 52 -4.84 -15.31 -22.33
CA ALA A 52 -4.86 -15.35 -23.81
C ALA A 52 -6.02 -14.54 -24.37
N LYS A 53 -7.21 -14.67 -23.79
CA LYS A 53 -8.40 -13.93 -24.23
C LYS A 53 -8.18 -12.43 -24.05
N ASP A 54 -7.43 -12.03 -23.02
CA ASP A 54 -7.17 -10.62 -22.76
C ASP A 54 -6.04 -10.09 -23.65
N GLY A 55 -5.42 -10.92 -24.46
CA GLY A 55 -4.32 -10.45 -25.29
C GLY A 55 -2.96 -10.38 -24.61
N GLY A 56 -2.85 -10.98 -23.42
CA GLY A 56 -1.57 -10.95 -22.70
C GLY A 56 -0.62 -12.08 -23.06
N ASN A 57 0.56 -12.05 -22.48
CA ASN A 57 1.63 -12.96 -22.78
C ASN A 57 1.95 -13.81 -21.57
N ALA A 58 1.62 -15.09 -21.61
CA ALA A 58 1.82 -15.97 -20.44
C ALA A 58 2.19 -17.38 -20.87
N SER A 59 2.72 -18.13 -19.92
CA SER A 59 3.09 -19.54 -20.10
C SER A 59 3.04 -20.18 -18.71
N ALA A 60 3.32 -21.46 -18.65
CA ALA A 60 3.22 -22.26 -17.40
C ALA A 60 4.56 -22.73 -16.89
N LEU A 61 4.65 -22.93 -15.59
CA LEU A 61 5.75 -23.69 -15.02
C LEU A 61 5.20 -24.62 -13.99
N LEU A 62 5.44 -25.92 -14.11
CA LEU A 62 4.94 -26.89 -13.13
C LEU A 62 5.98 -27.07 -12.05
N ILE A 63 5.57 -26.80 -10.80
CA ILE A 63 6.51 -26.86 -9.70
C ILE A 63 5.72 -27.18 -8.46
N ASP A 64 6.30 -28.01 -7.61
CA ASP A 64 5.64 -28.49 -6.40
C ASP A 64 6.53 -28.18 -5.19
N PHE A 65 6.06 -27.25 -4.39
CA PHE A 65 6.82 -26.74 -3.23
C PHE A 65 6.74 -27.64 -2.00
N ALA A 66 6.11 -28.81 -2.11
CA ALA A 66 6.31 -29.82 -1.06
C ALA A 66 7.81 -30.09 -0.88
N ASP A 67 8.61 -29.94 -1.95
CA ASP A 67 10.09 -29.82 -1.88
C ASP A 67 10.30 -28.30 -1.80
N PRO A 68 10.70 -27.77 -0.64
CA PRO A 68 10.79 -26.31 -0.54
C PRO A 68 11.92 -25.71 -1.36
N LEU A 69 12.84 -26.55 -1.85
CA LEU A 69 13.92 -26.09 -2.72
C LEU A 69 13.61 -26.32 -4.20
N ALA A 70 12.34 -26.56 -4.52
CA ALA A 70 11.97 -26.95 -5.86
C ALA A 70 12.32 -25.91 -6.94
N ALA A 71 12.43 -24.63 -6.57
CA ALA A 71 12.74 -23.58 -7.56
C ALA A 71 14.20 -23.21 -7.65
N LYS A 72 15.07 -24.04 -7.07
CA LYS A 72 16.48 -23.69 -6.99
C LYS A 72 17.10 -23.41 -8.37
N ASP A 73 16.65 -24.09 -9.41
CA ASP A 73 17.18 -23.90 -10.75
C ASP A 73 16.23 -23.18 -11.70
N SER A 74 15.14 -22.62 -11.16
CA SER A 74 14.11 -22.03 -12.00
C SER A 74 14.47 -20.66 -12.57
N PHE A 75 15.46 -19.99 -11.98
CA PHE A 75 15.74 -18.60 -12.34
C PHE A 75 16.97 -18.41 -13.20
N THR A 76 17.89 -19.39 -13.23
CA THR A 76 19.13 -19.22 -13.97
C THR A 76 18.87 -18.93 -15.44
N ASP A 77 19.32 -17.76 -15.91
CA ASP A 77 19.15 -17.32 -17.30
C ASP A 77 17.73 -17.28 -17.76
N ALA A 78 16.79 -17.20 -16.82
CA ALA A 78 15.37 -17.16 -17.18
C ALA A 78 14.78 -15.76 -17.32
N GLY A 79 15.46 -14.73 -16.83
CA GLY A 79 15.00 -13.37 -17.01
C GLY A 79 13.85 -12.89 -16.14
N PHE A 80 13.55 -13.59 -15.06
CA PHE A 80 12.50 -13.09 -14.16
C PHE A 80 12.97 -11.90 -13.39
N ASP A 81 12.09 -10.92 -13.29
CA ASP A 81 12.37 -9.78 -12.41
C ASP A 81 11.18 -9.32 -11.59
N ILE A 82 10.12 -10.12 -11.59
CA ILE A 82 9.05 -10.00 -10.59
C ILE A 82 8.80 -11.39 -10.06
N LEU A 83 8.73 -11.56 -8.75
CA LEU A 83 8.35 -12.82 -8.13
C LEU A 83 7.19 -12.55 -7.21
N VAL A 84 6.07 -13.25 -7.41
CA VAL A 84 4.95 -13.19 -6.48
C VAL A 84 4.87 -14.54 -5.76
N ASN A 85 5.16 -14.55 -4.45
CA ASN A 85 5.13 -15.75 -3.66
C ASN A 85 3.76 -15.91 -3.05
N ASN A 86 2.88 -16.56 -3.80
CA ASN A 86 1.49 -16.74 -3.43
C ASN A 86 1.13 -18.17 -3.02
N ALA A 87 1.83 -19.19 -3.52
CA ALA A 87 1.48 -20.57 -3.13
C ALA A 87 1.46 -20.71 -1.61
N GLY A 88 0.44 -21.42 -1.11
CA GLY A 88 0.29 -21.57 0.36
C GLY A 88 -0.79 -22.54 0.66
N ILE A 89 -0.71 -23.17 1.83
CA ILE A 89 -1.73 -24.12 2.31
C ILE A 89 -2.06 -23.79 3.75
N ILE A 90 -3.12 -24.41 4.26
CA ILE A 90 -3.56 -24.22 5.63
C ILE A 90 -4.05 -25.55 6.18
N ARG A 91 -3.83 -25.76 7.48
CA ARG A 91 -4.32 -26.96 8.17
C ARG A 91 -5.00 -26.51 9.43
N ARG A 92 -6.23 -26.97 9.67
CA ARG A 92 -7.04 -26.50 10.80
C ARG A 92 -7.25 -27.65 11.78
N ALA A 93 -6.86 -27.48 13.04
CA ALA A 93 -7.10 -28.45 14.11
C ALA A 93 -6.90 -27.74 15.42
N ASP A 94 -7.49 -28.24 16.49
CA ASP A 94 -7.21 -27.65 17.79
C ASP A 94 -5.72 -27.70 18.09
N SER A 95 -5.18 -26.62 18.63
CA SER A 95 -3.73 -26.56 18.79
C SER A 95 -3.24 -27.63 19.73
N VAL A 96 -4.03 -28.03 20.72
CA VAL A 96 -3.56 -29.05 21.66
C VAL A 96 -3.37 -30.41 21.01
N GLU A 97 -4.01 -30.64 19.87
CA GLU A 97 -3.77 -31.93 19.18
C GLU A 97 -3.14 -31.80 17.82
N PHE A 98 -2.66 -30.61 17.49
CA PHE A 98 -2.07 -30.36 16.17
C PHE A 98 -0.88 -31.26 15.88
N SER A 99 -0.86 -31.87 14.70
CA SER A 99 0.20 -32.83 14.40
C SER A 99 1.49 -32.24 13.86
N GLU A 100 2.57 -33.01 13.99
CA GLU A 100 3.81 -32.62 13.35
C GLU A 100 3.68 -32.52 11.83
N LEU A 101 2.92 -33.41 11.19
CA LEU A 101 2.72 -33.34 9.76
C LEU A 101 2.07 -32.03 9.33
N ASP A 102 1.04 -31.64 10.07
CA ASP A 102 0.34 -30.40 9.75
C ASP A 102 1.17 -29.15 10.08
N TRP A 103 2.14 -29.30 10.97
CA TRP A 103 3.11 -28.25 11.18
C TRP A 103 4.08 -28.20 10.02
N ASP A 104 4.76 -29.31 9.75
CA ASP A 104 5.85 -29.28 8.78
C ASP A 104 5.38 -28.99 7.38
N GLU A 105 4.27 -29.56 6.93
CA GLU A 105 3.88 -29.35 5.56
C GLU A 105 3.49 -27.91 5.27
N VAL A 106 2.84 -27.24 6.24
CA VAL A 106 2.48 -25.84 6.11
C VAL A 106 3.74 -24.97 6.14
N MET A 107 4.65 -25.27 7.06
N MET A 107 4.65 -25.23 7.10
CA MET A 107 5.91 -24.50 7.09
CA MET A 107 5.89 -24.44 7.10
C MET A 107 6.71 -24.64 5.81
C MET A 107 6.70 -24.64 5.82
N ASP A 108 6.72 -25.86 5.27
CA ASP A 108 7.48 -26.09 4.03
C ASP A 108 6.96 -25.22 2.89
N VAL A 109 5.66 -25.19 2.62
CA VAL A 109 5.16 -24.44 1.50
C VAL A 109 5.14 -22.93 1.80
N ASN A 110 4.62 -22.56 2.96
CA ASN A 110 4.27 -21.16 3.20
C ASN A 110 5.45 -20.30 3.59
N LEU A 111 6.48 -20.92 4.17
CA LEU A 111 7.59 -20.15 4.77
C LEU A 111 8.93 -20.56 4.22
N LYS A 112 9.30 -21.84 4.37
CA LYS A 112 10.60 -22.29 3.89
C LYS A 112 10.72 -22.15 2.35
N ALA A 113 9.70 -22.60 1.62
CA ALA A 113 9.76 -22.52 0.18
C ALA A 113 9.73 -21.05 -0.24
N LEU A 114 9.02 -20.20 0.48
CA LEU A 114 9.02 -18.78 0.18
C LEU A 114 10.41 -18.21 0.30
N PHE A 115 11.12 -18.54 1.39
CA PHE A 115 12.48 -18.03 1.54
C PHE A 115 13.42 -18.56 0.41
N PHE A 116 13.42 -19.87 0.16
CA PHE A 116 14.41 -20.38 -0.79
C PHE A 116 14.06 -20.05 -2.22
N THR A 117 12.78 -19.93 -2.54
CA THR A 117 12.44 -19.48 -3.90
C THR A 117 12.89 -18.05 -4.09
N THR A 118 12.65 -17.20 -3.09
CA THR A 118 13.09 -15.81 -3.18
C THR A 118 14.61 -15.71 -3.25
N GLN A 119 15.30 -16.57 -2.47
CA GLN A 119 16.76 -16.57 -2.51
C GLN A 119 17.26 -16.87 -3.94
N ALA A 120 16.68 -17.87 -4.62
CA ALA A 120 17.16 -18.24 -5.94
C ALA A 120 16.85 -17.13 -6.94
N PHE A 121 15.69 -16.48 -6.78
CA PHE A 121 15.30 -15.37 -7.66
C PHE A 121 16.28 -14.21 -7.49
N ALA A 122 16.59 -13.82 -6.25
CA ALA A 122 17.49 -12.71 -5.98
C ALA A 122 18.91 -13.05 -6.36
N LYS A 123 19.38 -14.27 -6.15
CA LYS A 123 20.73 -14.64 -6.51
C LYS A 123 20.96 -14.35 -7.98
N GLU A 124 19.99 -14.65 -8.82
CA GLU A 124 20.10 -14.39 -10.25
C GLU A 124 20.09 -12.91 -10.54
N LEU A 125 19.17 -12.14 -9.95
CA LEU A 125 19.19 -10.69 -10.19
C LEU A 125 20.49 -10.07 -9.76
N LEU A 126 20.96 -10.43 -8.59
CA LEU A 126 22.16 -9.81 -8.03
C LEU A 126 23.37 -10.17 -8.90
N ALA A 127 23.43 -11.40 -9.42
CA ALA A 127 24.54 -11.85 -10.29
C ALA A 127 24.51 -11.13 -11.61
N LYS A 128 23.32 -10.77 -12.10
CA LYS A 128 23.15 -10.12 -13.40
C LYS A 128 23.20 -8.59 -13.25
N GLY A 129 23.22 -8.07 -12.03
CA GLY A 129 23.22 -6.63 -11.75
C GLY A 129 21.93 -5.93 -12.13
N ARG A 130 20.82 -6.65 -12.00
N ARG A 130 20.81 -6.66 -12.06
CA ARG A 130 19.53 -6.11 -12.42
CA ARG A 130 19.53 -6.12 -12.48
C ARG A 130 18.62 -5.80 -11.25
C ARG A 130 18.60 -5.83 -11.29
N SER A 131 17.64 -4.92 -11.49
CA SER A 131 16.61 -4.65 -10.49
C SER A 131 15.49 -5.68 -10.53
N GLY A 132 14.68 -5.71 -9.47
CA GLY A 132 13.49 -6.56 -9.52
C GLY A 132 12.61 -6.30 -8.33
N LYS A 133 11.54 -7.09 -8.29
CA LYS A 133 10.44 -6.91 -7.32
C LYS A 133 10.05 -8.26 -6.76
N VAL A 134 9.79 -8.31 -5.45
CA VAL A 134 9.20 -9.47 -4.79
C VAL A 134 7.92 -8.99 -4.13
N VAL A 135 6.85 -9.74 -4.34
CA VAL A 135 5.59 -9.47 -3.63
C VAL A 135 5.22 -10.76 -2.93
N ASN A 136 5.27 -10.74 -1.60
CA ASN A 136 4.85 -11.92 -0.80
C ASN A 136 3.42 -11.82 -0.39
N ILE A 137 2.71 -12.93 -0.37
CA ILE A 137 1.32 -12.90 0.10
C ILE A 137 1.35 -13.32 1.56
N ALA A 138 1.08 -12.32 2.40
CA ALA A 138 0.98 -12.47 3.85
C ALA A 138 -0.49 -12.77 4.18
N SER A 139 -1.05 -12.25 5.29
CA SER A 139 -2.37 -12.63 5.74
C SER A 139 -2.75 -11.67 6.88
N LEU A 140 -4.05 -11.60 7.17
CA LEU A 140 -4.42 -10.99 8.48
C LEU A 140 -3.73 -11.73 9.63
N LEU A 141 -3.45 -13.01 9.42
CA LEU A 141 -2.77 -13.82 10.46
C LEU A 141 -1.26 -13.62 10.43
N SER A 142 -0.78 -12.57 9.75
CA SER A 142 0.53 -11.98 10.01
C SER A 142 0.45 -10.94 11.13
N PHE A 143 -0.77 -10.50 11.51
CA PHE A 143 -0.97 -9.41 12.48
C PHE A 143 -1.70 -9.94 13.72
N GLN A 144 -2.74 -10.74 13.52
CA GLN A 144 -3.53 -11.33 14.60
C GLN A 144 -3.27 -12.82 14.62
N GLY A 145 -3.78 -13.49 15.66
CA GLY A 145 -3.50 -14.90 15.83
C GLY A 145 -4.43 -15.83 15.10
N GLY A 146 -5.71 -15.48 15.03
CA GLY A 146 -6.69 -16.45 14.57
C GLY A 146 -6.77 -17.66 15.51
N ILE A 147 -7.42 -18.74 15.12
CA ILE A 147 -7.56 -19.92 15.95
C ILE A 147 -7.37 -21.20 15.12
N ARG A 148 -6.80 -22.23 15.71
CA ARG A 148 -6.81 -23.59 15.11
C ARG A 148 -5.91 -23.71 13.91
N VAL A 149 -5.06 -22.72 13.65
CA VAL A 149 -4.16 -22.77 12.50
C VAL A 149 -2.71 -22.39 12.95
N PRO A 150 -2.18 -23.07 13.99
CA PRO A 150 -0.87 -22.57 14.52
C PRO A 150 0.24 -22.52 13.47
N SER A 151 0.39 -23.52 12.60
CA SER A 151 1.48 -23.42 11.63
C SER A 151 1.24 -22.33 10.61
N TYR A 152 -0.04 -22.07 10.27
CA TYR A 152 -0.33 -21.05 9.30
C TYR A 152 -0.03 -19.65 9.86
N THR A 153 -0.51 -19.38 11.09
CA THR A 153 -0.24 -18.08 11.71
C THR A 153 1.26 -17.85 11.92
N ALA A 154 1.94 -18.90 12.40
CA ALA A 154 3.40 -18.78 12.58
C ALA A 154 4.06 -18.52 11.25
N ALA A 155 3.67 -19.26 10.19
CA ALA A 155 4.25 -19.07 8.87
C ALA A 155 3.97 -17.67 8.33
N LYS A 156 2.73 -17.20 8.46
CA LYS A 156 2.41 -15.91 7.87
C LYS A 156 3.02 -14.76 8.65
N HIS A 157 3.16 -14.90 9.98
CA HIS A 157 3.97 -13.93 10.71
C HIS A 157 5.40 -13.98 10.17
N GLY A 158 5.96 -15.21 9.98
CA GLY A 158 7.30 -15.35 9.43
C GLY A 158 7.46 -14.68 8.08
N VAL A 159 6.43 -14.73 7.23
CA VAL A 159 6.49 -14.11 5.90
C VAL A 159 6.63 -12.60 6.03
N ALA A 160 5.86 -12.03 6.97
CA ALA A 160 6.04 -10.59 7.25
C ALA A 160 7.47 -10.27 7.69
N GLY A 161 8.03 -11.14 8.55
CA GLY A 161 9.41 -10.95 9.03
C GLY A 161 10.41 -11.00 7.90
N LEU A 162 10.28 -12.01 7.03
CA LEU A 162 11.17 -12.09 5.87
C LEU A 162 11.01 -10.91 4.92
N THR A 163 9.80 -10.38 4.77
CA THR A 163 9.59 -9.24 3.90
C THR A 163 10.42 -8.07 4.41
N LYS A 164 10.43 -7.84 5.73
CA LYS A 164 11.19 -6.75 6.33
C LYS A 164 12.66 -6.98 6.21
N LEU A 165 13.14 -8.18 6.60
CA LEU A 165 14.57 -8.45 6.59
C LEU A 165 15.16 -8.41 5.19
N LEU A 166 14.47 -9.01 4.23
CA LEU A 166 15.01 -9.03 2.88
C LEU A 166 15.00 -7.63 2.27
N ALA A 167 14.00 -6.81 2.57
CA ALA A 167 14.10 -5.40 2.19
C ALA A 167 15.29 -4.73 2.83
N ASN A 168 15.53 -4.98 4.11
CA ASN A 168 16.67 -4.35 4.80
C ASN A 168 17.97 -4.70 4.07
N GLU A 169 18.10 -5.95 3.60
CA GLU A 169 19.37 -6.36 2.96
C GLU A 169 19.45 -5.99 1.50
N TRP A 170 18.33 -5.94 0.80
CA TRP A 170 18.37 -5.82 -0.65
C TRP A 170 17.83 -4.54 -1.25
N ALA A 171 17.18 -3.68 -0.44
CA ALA A 171 16.64 -2.44 -0.98
C ALA A 171 17.71 -1.65 -1.72
N ALA A 172 18.93 -1.56 -1.18
CA ALA A 172 19.97 -0.75 -1.84
C ALA A 172 20.53 -1.44 -3.05
N LYS A 173 20.20 -2.71 -3.26
CA LYS A 173 20.67 -3.48 -4.40
C LYS A 173 19.59 -3.47 -5.46
N GLY A 174 18.52 -2.70 -5.31
CA GLY A 174 17.48 -2.57 -6.35
C GLY A 174 16.44 -3.67 -6.39
N ILE A 175 16.30 -4.44 -5.32
CA ILE A 175 15.20 -5.41 -5.27
C ILE A 175 14.22 -4.93 -4.23
N ASN A 176 13.04 -4.50 -4.64
CA ASN A 176 11.98 -4.14 -3.67
C ASN A 176 11.29 -5.38 -3.15
N VAL A 177 11.25 -5.56 -1.84
CA VAL A 177 10.55 -6.70 -1.25
C VAL A 177 9.42 -6.16 -0.40
N ASN A 178 8.18 -6.51 -0.74
CA ASN A 178 7.00 -6.05 -0.02
C ASN A 178 6.01 -7.18 0.08
N ALA A 179 4.95 -6.98 0.84
CA ALA A 179 3.90 -7.98 0.98
C ALA A 179 2.54 -7.37 0.89
N ILE A 180 1.60 -8.20 0.44
CA ILE A 180 0.18 -7.88 0.55
C ILE A 180 -0.39 -8.80 1.62
N ALA A 181 -1.19 -8.26 2.55
CA ALA A 181 -1.95 -9.07 3.52
C ALA A 181 -3.42 -9.00 3.12
N PRO A 182 -3.91 -9.99 2.37
CA PRO A 182 -5.34 -9.99 2.02
C PRO A 182 -6.16 -10.19 3.28
N GLY A 183 -7.39 -9.68 3.29
CA GLY A 183 -8.37 -9.98 4.31
C GLY A 183 -8.98 -11.34 4.07
N TYR A 184 -10.26 -11.46 4.32
CA TYR A 184 -10.96 -12.72 4.09
C TYR A 184 -11.51 -12.64 2.67
N ILE A 185 -10.98 -13.49 1.80
CA ILE A 185 -11.28 -13.50 0.37
C ILE A 185 -11.93 -14.84 0.03
N GLU A 186 -12.97 -14.81 -0.80
CA GLU A 186 -13.61 -16.08 -1.19
C GLU A 186 -12.77 -16.90 -2.20
N THR A 187 -12.13 -17.96 -1.71
CA THR A 187 -11.30 -18.86 -2.52
C THR A 187 -11.33 -20.23 -1.86
N ASN A 188 -10.64 -21.20 -2.45
CA ASN A 188 -10.55 -22.53 -1.80
C ASN A 188 -9.96 -22.50 -0.37
N ASN A 189 -9.05 -21.58 -0.11
CA ASN A 189 -8.40 -21.46 1.21
C ASN A 189 -9.43 -21.27 2.34
N THR A 190 -10.51 -20.57 2.02
CA THR A 190 -11.47 -20.17 3.06
C THR A 190 -12.80 -20.89 2.93
N GLU A 191 -12.86 -21.87 2.03
CA GLU A 191 -14.12 -22.57 1.82
C GLU A 191 -14.70 -23.19 3.10
N ALA A 192 -13.85 -23.77 3.94
CA ALA A 192 -14.34 -24.39 5.16
C ALA A 192 -14.94 -23.36 6.12
N LEU A 193 -14.42 -22.12 6.11
CA LEU A 193 -14.98 -21.06 6.95
C LEU A 193 -16.33 -20.58 6.45
N ARG A 194 -16.43 -20.44 5.13
CA ARG A 194 -17.64 -19.93 4.52
C ARG A 194 -18.77 -20.94 4.67
N ALA A 195 -18.42 -22.24 4.71
CA ALA A 195 -19.42 -23.29 4.84
C ALA A 195 -19.94 -23.43 6.28
N ASP A 196 -19.28 -22.80 7.23
CA ASP A 196 -19.66 -22.88 8.62
C ASP A 196 -20.46 -21.61 8.90
N ALA A 197 -21.79 -21.71 9.04
CA ALA A 197 -22.62 -20.50 9.07
C ALA A 197 -22.23 -19.55 10.19
N ALA A 198 -21.91 -20.10 11.36
CA ALA A 198 -21.56 -19.26 12.48
C ALA A 198 -20.22 -18.54 12.23
N ARG A 199 -19.22 -19.28 11.75
CA ARG A 199 -17.91 -18.68 11.57
C ARG A 199 -18.00 -17.65 10.44
N ASN A 200 -18.77 -17.98 9.40
CA ASN A 200 -18.94 -17.08 8.27
C ASN A 200 -19.50 -15.73 8.70
N LYS A 201 -20.54 -15.76 9.54
CA LYS A 201 -21.16 -14.57 10.08
C LYS A 201 -20.21 -13.79 10.94
N ALA A 202 -19.42 -14.49 11.76
CA ALA A 202 -18.48 -13.80 12.62
C ALA A 202 -17.41 -13.10 11.78
N ILE A 203 -17.00 -13.72 10.68
CA ILE A 203 -16.06 -13.06 9.80
C ILE A 203 -16.69 -11.85 9.11
N LEU A 204 -17.83 -12.04 8.48
CA LEU A 204 -18.46 -10.97 7.75
C LEU A 204 -18.69 -9.70 8.57
N GLU A 205 -19.17 -9.88 9.80
CA GLU A 205 -19.50 -8.72 10.60
C GLU A 205 -18.27 -7.95 11.15
N ARG A 206 -17.09 -8.54 10.98
CA ARG A 206 -15.83 -7.88 11.30
C ARG A 206 -15.17 -7.17 10.10
N ILE A 207 -15.85 -7.17 8.95
CA ILE A 207 -15.36 -6.50 7.70
C ILE A 207 -16.13 -5.22 7.49
N PRO A 208 -15.53 -4.04 7.73
CA PRO A 208 -16.29 -2.77 7.55
C PRO A 208 -16.87 -2.61 6.16
N ALA A 209 -16.20 -3.07 5.10
CA ALA A 209 -16.76 -2.91 3.76
C ALA A 209 -18.03 -3.72 3.59
N GLY A 210 -18.29 -4.71 4.44
CA GLY A 210 -19.56 -5.43 4.39
C GLY A 210 -19.61 -6.57 3.40
N ARG A 211 -18.46 -7.00 2.88
CA ARG A 211 -18.41 -8.14 1.98
C ARG A 211 -17.10 -8.88 2.14
N TRP A 212 -17.11 -10.20 1.93
CA TRP A 212 -15.91 -10.94 1.62
C TRP A 212 -15.23 -10.35 0.40
N GLY A 213 -13.90 -10.40 0.38
CA GLY A 213 -13.18 -10.02 -0.81
C GLY A 213 -13.36 -11.01 -1.93
N HIS A 214 -12.99 -10.53 -3.10
CA HIS A 214 -12.88 -11.35 -4.29
C HIS A 214 -11.42 -11.39 -4.68
N SER A 215 -10.95 -12.46 -5.32
CA SER A 215 -9.55 -12.51 -5.73
C SER A 215 -9.12 -11.29 -6.52
N GLU A 216 -10.03 -10.75 -7.37
CA GLU A 216 -9.67 -9.58 -8.19
C GLU A 216 -9.33 -8.38 -7.32
N ASP A 217 -9.77 -8.33 -6.07
CA ASP A 217 -9.47 -7.21 -5.18
C ASP A 217 -7.97 -7.12 -4.82
N ILE A 218 -7.20 -8.18 -5.08
CA ILE A 218 -5.81 -8.26 -4.65
C ILE A 218 -4.89 -7.85 -5.83
N ALA A 219 -5.40 -7.92 -7.07
CA ALA A 219 -4.56 -7.70 -8.25
C ALA A 219 -3.96 -6.32 -8.33
N GLY A 220 -4.73 -5.30 -8.00
CA GLY A 220 -4.25 -3.94 -8.16
C GLY A 220 -3.04 -3.66 -7.27
N ALA A 221 -3.06 -4.11 -6.02
CA ALA A 221 -1.93 -3.94 -5.13
C ALA A 221 -0.70 -4.69 -5.63
N ALA A 222 -0.89 -5.84 -6.26
CA ALA A 222 0.26 -6.58 -6.79
C ALA A 222 0.87 -5.84 -7.96
N VAL A 223 0.05 -5.30 -8.86
CA VAL A 223 0.58 -4.46 -9.97
C VAL A 223 1.31 -3.27 -9.35
N PHE A 224 0.68 -2.56 -8.43
CA PHE A 224 1.30 -1.38 -7.85
C PHE A 224 2.68 -1.72 -7.28
N LEU A 225 2.74 -2.74 -6.42
CA LEU A 225 3.99 -3.05 -5.74
C LEU A 225 5.06 -3.60 -6.68
N SER A 226 4.67 -4.03 -7.88
CA SER A 226 5.61 -4.49 -8.90
C SER A 226 6.06 -3.38 -9.84
N SER A 227 5.56 -2.16 -9.67
CA SER A 227 5.72 -1.10 -10.66
C SER A 227 6.70 -0.02 -10.20
N ALA A 228 7.08 0.86 -11.13
CA ALA A 228 7.90 2.00 -10.79
C ALA A 228 7.20 2.98 -9.88
N ALA A 229 5.86 2.98 -9.81
CA ALA A 229 5.14 3.84 -8.91
C ALA A 229 5.33 3.45 -7.45
N ALA A 230 5.95 2.30 -7.21
CA ALA A 230 6.27 1.84 -5.85
C ALA A 230 7.76 1.69 -5.62
N ASP A 231 8.62 2.29 -6.45
N ASP A 231 8.52 2.57 -6.29
CA ASP A 231 10.07 2.11 -6.28
CA ASP A 231 9.95 2.43 -6.30
C ASP A 231 10.61 2.53 -4.89
C ASP A 231 10.55 2.55 -4.93
N TYR A 232 9.95 3.41 -4.12
CA TYR A 232 10.47 3.72 -2.78
C TYR A 232 9.74 2.92 -1.69
N VAL A 233 8.87 2.00 -2.10
CA VAL A 233 8.18 1.15 -1.12
C VAL A 233 9.05 -0.09 -0.90
N HIS A 234 9.49 -0.28 0.34
CA HIS A 234 10.38 -1.41 0.70
C HIS A 234 10.03 -1.91 2.07
N GLY A 235 9.81 -3.20 2.19
CA GLY A 235 9.55 -3.80 3.48
C GLY A 235 8.16 -3.57 4.01
N ALA A 236 7.24 -3.10 3.18
CA ALA A 236 5.90 -2.79 3.64
C ALA A 236 5.02 -4.01 3.59
N ILE A 237 4.05 -4.04 4.49
CA ILE A 237 3.02 -5.06 4.51
C ILE A 237 1.69 -4.33 4.31
N LEU A 238 1.16 -4.37 3.11
CA LEU A 238 -0.06 -3.64 2.80
C LEU A 238 -1.28 -4.52 3.00
N ASN A 239 -2.14 -4.20 3.96
CA ASN A 239 -3.38 -4.97 4.13
C ASN A 239 -4.44 -4.52 3.17
N VAL A 240 -5.02 -5.49 2.47
CA VAL A 240 -6.10 -5.24 1.50
C VAL A 240 -7.26 -6.08 2.01
N ASP A 241 -8.02 -5.50 2.96
CA ASP A 241 -8.80 -6.31 3.89
C ASP A 241 -10.18 -5.78 4.19
N GLY A 242 -10.69 -4.84 3.39
CA GLY A 242 -12.05 -4.37 3.60
C GLY A 242 -12.23 -3.62 4.92
N GLY A 243 -11.10 -3.25 5.56
CA GLY A 243 -11.17 -2.61 6.85
C GLY A 243 -10.95 -3.48 8.07
N TRP A 244 -10.67 -4.78 7.86
CA TRP A 244 -10.63 -5.70 9.01
C TRP A 244 -9.70 -5.21 10.13
N LEU A 245 -8.45 -4.86 9.81
CA LEU A 245 -7.54 -4.51 10.90
C LEU A 245 -7.89 -3.20 11.58
N ALA A 246 -8.70 -2.35 10.96
CA ALA A 246 -9.16 -1.12 11.58
C ALA A 246 -10.23 -1.37 12.60
N ARG A 247 -10.94 -2.50 12.53
CA ARG A 247 -12.14 -2.74 13.28
C ARG A 247 -11.94 -3.52 14.58
N LYS B 2 -10.78 0.45 -18.80
CA LYS B 2 -10.44 -0.69 -17.98
C LYS B 2 -9.01 -0.60 -17.42
N ASN B 3 -8.49 0.62 -17.34
CA ASN B 3 -7.26 0.86 -16.60
C ASN B 3 -7.65 1.11 -15.15
N PRO B 4 -7.34 0.15 -14.24
CA PRO B 4 -7.80 0.33 -12.86
C PRO B 4 -7.09 1.49 -12.13
N PHE B 5 -6.03 2.07 -12.68
CA PHE B 5 -5.36 3.21 -12.06
C PHE B 5 -5.81 4.54 -12.60
N SER B 6 -6.74 4.54 -13.55
CA SER B 6 -7.20 5.78 -14.14
C SER B 6 -8.12 6.54 -13.20
N LEU B 7 -7.93 7.86 -13.14
CA LEU B 7 -8.80 8.73 -12.36
C LEU B 7 -9.64 9.62 -13.25
N GLU B 8 -9.80 9.23 -14.51
CA GLU B 8 -10.69 9.98 -15.41
C GLU B 8 -12.08 10.06 -14.81
N GLY B 9 -12.65 11.25 -14.88
CA GLY B 9 -13.99 11.46 -14.38
C GLY B 9 -14.03 11.86 -12.91
N ARG B 10 -12.90 11.75 -12.20
CA ARG B 10 -12.87 12.05 -10.78
C ARG B 10 -12.45 13.50 -10.54
N LYS B 11 -12.76 14.03 -9.35
CA LYS B 11 -12.43 15.42 -9.03
C LYS B 11 -11.84 15.43 -7.63
N ALA B 12 -10.61 15.92 -7.53
CA ALA B 12 -9.86 15.85 -6.27
C ALA B 12 -9.64 17.22 -5.67
N LEU B 13 -9.61 17.28 -4.34
CA LEU B 13 -9.07 18.45 -3.62
C LEU B 13 -7.82 17.96 -2.91
N VAL B 14 -6.73 18.67 -3.13
CA VAL B 14 -5.45 18.38 -2.48
C VAL B 14 -5.08 19.59 -1.61
N THR B 15 -4.91 19.39 -0.31
CA THR B 15 -4.50 20.50 0.55
C THR B 15 -2.97 20.58 0.58
N GLY B 16 -2.45 21.74 0.94
CA GLY B 16 -1.01 21.97 0.85
C GLY B 16 -0.46 21.77 -0.54
N ALA B 17 -1.19 22.26 -1.54
CA ALA B 17 -0.88 21.87 -2.91
C ALA B 17 0.09 22.76 -3.66
N ASN B 18 0.54 23.83 -3.00
CA ASN B 18 1.48 24.76 -3.62
C ASN B 18 2.90 24.29 -3.66
N THR B 19 3.27 23.27 -2.88
CA THR B 19 4.69 22.90 -2.75
C THR B 19 4.81 21.46 -2.25
N GLY B 20 6.02 20.90 -2.35
CA GLY B 20 6.35 19.66 -1.68
C GLY B 20 5.46 18.49 -2.05
N LEU B 21 5.07 17.69 -1.06
CA LEU B 21 4.29 16.49 -1.39
C LEU B 21 2.94 16.85 -1.98
N GLY B 22 2.30 17.92 -1.50
CA GLY B 22 0.98 18.28 -2.02
C GLY B 22 1.06 18.63 -3.49
N GLN B 23 2.10 19.37 -3.87
CA GLN B 23 2.30 19.72 -5.27
C GLN B 23 2.46 18.44 -6.08
N ALA B 24 3.32 17.52 -5.65
CA ALA B 24 3.53 16.31 -6.43
C ALA B 24 2.27 15.48 -6.52
N ILE B 25 1.52 15.37 -5.41
CA ILE B 25 0.29 14.59 -5.45
C ILE B 25 -0.72 15.21 -6.40
N ALA B 26 -0.86 16.53 -6.38
CA ALA B 26 -1.79 17.18 -7.30
C ALA B 26 -1.38 16.90 -8.75
N VAL B 27 -0.08 17.00 -9.05
CA VAL B 27 0.42 16.77 -10.39
C VAL B 27 0.15 15.32 -10.81
N GLY B 28 0.36 14.38 -9.89
CA GLY B 28 0.16 12.97 -10.21
C GLY B 28 -1.31 12.63 -10.41
N LEU B 29 -2.19 13.18 -9.57
CA LEU B 29 -3.61 12.91 -9.75
C LEU B 29 -4.11 13.47 -11.08
N ALA B 30 -3.65 14.67 -11.44
CA ALA B 30 -4.06 15.29 -12.70
C ALA B 30 -3.54 14.44 -13.87
N ALA B 31 -2.32 13.94 -13.78
CA ALA B 31 -1.76 13.11 -14.87
C ALA B 31 -2.50 11.80 -15.04
N ALA B 32 -3.09 11.29 -13.95
CA ALA B 32 -3.95 10.11 -13.96
C ALA B 32 -5.35 10.40 -14.47
N GLY B 33 -5.68 11.67 -14.71
CA GLY B 33 -6.92 12.01 -15.36
C GLY B 33 -7.91 12.74 -14.49
N ALA B 34 -7.66 12.93 -13.20
CA ALA B 34 -8.57 13.70 -12.33
C ALA B 34 -8.52 15.18 -12.60
N GLU B 35 -9.66 15.86 -12.47
CA GLU B 35 -9.64 17.30 -12.29
C GLU B 35 -9.13 17.53 -10.86
N VAL B 36 -8.24 18.48 -10.69
CA VAL B 36 -7.64 18.71 -9.39
C VAL B 36 -7.80 20.15 -8.95
N VAL B 37 -8.36 20.36 -7.77
CA VAL B 37 -8.36 21.68 -7.16
C VAL B 37 -7.25 21.70 -6.12
N CYS B 38 -6.35 22.66 -6.31
CA CYS B 38 -5.14 22.82 -5.52
C CYS B 38 -5.44 23.80 -4.39
N ALA B 39 -5.63 23.29 -3.18
CA ALA B 39 -5.93 24.12 -2.01
C ALA B 39 -4.64 24.59 -1.35
N ALA B 40 -4.53 25.89 -1.09
CA ALA B 40 -3.30 26.45 -0.55
C ALA B 40 -3.64 27.77 0.11
N ARG B 41 -2.76 28.24 1.00
CA ARG B 41 -2.90 29.57 1.59
C ARG B 41 -2.70 30.67 0.57
N ARG B 42 -1.75 30.45 -0.32
CA ARG B 42 -1.45 31.46 -1.34
C ARG B 42 -1.57 30.80 -2.69
N ALA B 43 -1.72 31.62 -3.75
CA ALA B 43 -1.96 31.11 -5.10
C ALA B 43 -0.91 30.07 -5.47
N PRO B 44 -1.38 28.85 -5.81
CA PRO B 44 -0.46 27.74 -6.12
C PRO B 44 -0.06 27.78 -7.58
N ASP B 45 0.56 28.89 -7.97
CA ASP B 45 0.77 29.12 -9.39
C ASP B 45 1.76 28.16 -10.01
N GLU B 46 2.84 27.85 -9.30
CA GLU B 46 3.80 26.88 -9.79
C GLU B 46 3.15 25.53 -10.04
N THR B 47 2.33 25.05 -9.08
CA THR B 47 1.64 23.78 -9.27
C THR B 47 0.71 23.83 -10.48
N LEU B 48 -0.08 24.88 -10.59
CA LEU B 48 -0.99 24.99 -11.70
C LEU B 48 -0.24 25.04 -13.05
N ASP B 49 0.92 25.69 -13.06
CA ASP B 49 1.70 25.76 -14.30
C ASP B 49 2.19 24.39 -14.74
N ILE B 50 2.64 23.57 -13.78
CA ILE B 50 3.10 22.21 -14.09
C ILE B 50 1.95 21.42 -14.69
N ILE B 51 0.79 21.48 -14.04
CA ILE B 51 -0.34 20.69 -14.53
C ILE B 51 -0.80 21.15 -15.92
N ALA B 52 -0.83 22.46 -16.13
CA ALA B 52 -1.26 22.99 -17.42
C ALA B 52 -0.33 22.55 -18.55
N LYS B 53 0.97 22.51 -18.29
CA LYS B 53 1.95 22.03 -19.28
C LYS B 53 1.83 20.54 -19.61
N ASP B 54 1.35 19.76 -18.65
CA ASP B 54 1.14 18.33 -18.84
C ASP B 54 -0.20 18.08 -19.53
N GLY B 55 -0.97 19.14 -19.76
CA GLY B 55 -2.28 19.01 -20.38
C GLY B 55 -3.41 18.64 -19.43
N GLY B 56 -3.20 18.80 -18.13
CA GLY B 56 -4.22 18.42 -17.17
C GLY B 56 -5.17 19.55 -16.85
N ASN B 57 -6.16 19.25 -16.00
CA ASN B 57 -7.24 20.16 -15.68
C ASN B 57 -7.17 20.49 -14.17
N ALA B 58 -6.79 21.71 -13.81
CA ALA B 58 -6.66 22.06 -12.41
C ALA B 58 -7.02 23.54 -12.17
N SER B 59 -7.30 23.89 -10.92
CA SER B 59 -7.58 25.26 -10.50
C SER B 59 -7.22 25.41 -9.04
N ALA B 60 -7.31 26.61 -8.52
CA ALA B 60 -6.89 26.90 -7.15
C ALA B 60 -8.06 27.10 -6.24
N LEU B 61 -7.84 26.83 -4.95
CA LEU B 61 -8.77 27.23 -3.91
C LEU B 61 -7.94 27.78 -2.78
N LEU B 62 -8.18 29.02 -2.37
CA LEU B 62 -7.41 29.60 -1.31
C LEU B 62 -8.06 29.30 0.01
N ILE B 63 -7.31 28.73 0.92
CA ILE B 63 -7.88 28.28 2.18
C ILE B 63 -6.79 28.29 3.20
N ASP B 64 -7.14 28.67 4.42
CA ASP B 64 -6.17 28.81 5.48
C ASP B 64 -6.67 28.07 6.73
N PHE B 65 -5.98 26.99 7.04
CA PHE B 65 -6.40 26.07 8.11
C PHE B 65 -5.98 26.52 9.50
N ALA B 66 -5.47 27.74 9.61
CA ALA B 66 -5.36 28.36 10.92
C ALA B 66 -6.74 28.40 11.57
N ASP B 67 -7.78 28.51 10.72
CA ASP B 67 -9.15 28.17 11.10
C ASP B 67 -9.36 26.71 10.71
N PRO B 68 -9.40 25.81 11.68
CA PRO B 68 -9.46 24.39 11.30
C PRO B 68 -10.77 23.99 10.66
N LEU B 69 -11.80 24.84 10.78
CA LEU B 69 -13.08 24.61 10.11
C LEU B 69 -13.19 25.34 8.78
N ALA B 70 -12.07 25.81 8.25
CA ALA B 70 -12.12 26.63 7.02
C ALA B 70 -12.76 25.98 5.81
N ALA B 71 -12.77 24.65 5.76
CA ALA B 71 -13.32 23.98 4.57
C ALA B 71 -14.76 23.56 4.74
N LYS B 72 -15.45 24.04 5.78
CA LYS B 72 -16.80 23.56 6.06
C LYS B 72 -17.78 23.70 4.92
N ASP B 73 -17.64 24.73 4.10
CA ASP B 73 -18.54 24.95 2.99
C ASP B 73 -17.91 24.70 1.63
N SER B 74 -16.73 24.11 1.61
CA SER B 74 -16.00 23.93 0.35
C SER B 74 -16.50 22.79 -0.54
N PHE B 75 -17.33 21.91 0.00
CA PHE B 75 -17.71 20.69 -0.71
C PHE B 75 -19.15 20.68 -1.21
N THR B 76 -20.04 21.50 -0.62
CA THR B 76 -21.45 21.52 -1.04
C THR B 76 -21.58 21.80 -2.53
N ASP B 77 -22.20 20.83 -3.20
CA ASP B 77 -22.44 20.87 -4.65
C ASP B 77 -21.20 21.07 -5.48
N ALA B 78 -20.02 20.73 -4.93
CA ALA B 78 -18.79 20.98 -5.64
C ALA B 78 -18.26 19.79 -6.45
N GLY B 79 -18.80 18.60 -6.23
CA GLY B 79 -18.42 17.45 -7.02
C GLY B 79 -17.13 16.75 -6.64
N PHE B 80 -16.56 17.04 -5.47
CA PHE B 80 -15.32 16.34 -5.11
C PHE B 80 -15.59 14.91 -4.73
N ASP B 81 -14.77 13.98 -5.26
CA ASP B 81 -14.82 12.60 -4.79
C ASP B 81 -13.46 12.02 -4.47
N ILE B 82 -12.44 12.86 -4.43
CA ILE B 82 -11.13 12.45 -3.87
C ILE B 82 -10.70 13.59 -3.00
N LEU B 83 -10.26 13.29 -1.77
CA LEU B 83 -9.68 14.31 -0.87
C LEU B 83 -8.33 13.84 -0.43
N VAL B 84 -7.29 14.66 -0.58
CA VAL B 84 -5.96 14.32 -0.02
C VAL B 84 -5.63 15.36 1.03
N ASN B 85 -5.59 14.91 2.29
CA ASN B 85 -5.28 15.78 3.41
C ASN B 85 -3.78 15.78 3.63
N ASN B 86 -3.09 16.73 2.99
CA ASN B 86 -1.65 16.83 3.01
C ASN B 86 -1.13 18.02 3.78
N ALA B 87 -1.87 19.13 3.91
CA ALA B 87 -1.35 20.30 4.64
C ALA B 87 -0.90 19.88 6.05
N GLY B 88 0.22 20.42 6.49
CA GLY B 88 0.73 20.05 7.80
C GLY B 88 1.92 20.91 8.15
N ILE B 89 2.16 21.09 9.44
CA ILE B 89 3.36 21.80 9.92
C ILE B 89 3.99 21.01 11.04
N ILE B 90 5.18 21.45 11.45
CA ILE B 90 5.91 20.82 12.53
C ILE B 90 6.57 21.92 13.37
N ARG B 91 6.66 21.72 14.68
CA ARG B 91 7.35 22.66 15.58
C ARG B 91 8.24 21.86 16.50
N ARG B 92 9.48 22.34 16.66
CA ARG B 92 10.50 21.60 17.38
C ARG B 92 10.96 22.41 18.57
N ALA B 93 10.96 21.79 19.75
CA ALA B 93 11.52 22.37 20.99
C ALA B 93 11.67 21.23 21.98
N ASP B 94 12.53 21.36 22.96
CA ASP B 94 12.59 20.36 24.03
C ASP B 94 11.20 20.14 24.62
N SER B 95 10.80 18.89 24.82
CA SER B 95 9.45 18.64 25.29
C SER B 95 9.19 19.26 26.63
N VAL B 96 10.21 19.38 27.48
CA VAL B 96 10.01 19.95 28.81
C VAL B 96 9.65 21.45 28.75
N GLU B 97 9.98 22.09 27.62
CA GLU B 97 9.75 23.54 27.40
C GLU B 97 8.69 23.85 26.33
N PHE B 98 8.13 22.81 25.72
CA PHE B 98 7.26 22.98 24.55
C PHE B 98 6.06 23.88 24.88
N SER B 99 5.80 24.87 24.03
CA SER B 99 4.76 25.85 24.35
C SER B 99 3.35 25.43 23.96
N GLU B 100 2.37 26.01 24.64
CA GLU B 100 1.00 25.83 24.25
C GLU B 100 0.71 26.25 22.81
N LEU B 101 1.32 27.31 22.35
CA LEU B 101 1.16 27.76 20.98
C LEU B 101 1.64 26.70 19.96
N ASP B 102 2.81 26.13 20.22
CA ASP B 102 3.37 25.10 19.33
C ASP B 102 2.59 23.79 19.40
N TRP B 103 1.91 23.57 20.51
CA TRP B 103 0.94 22.49 20.60
C TRP B 103 -0.28 22.75 19.75
N ASP B 104 -0.96 23.85 20.04
CA ASP B 104 -2.23 24.18 19.42
C ASP B 104 -2.12 24.39 17.91
N GLU B 105 -1.10 25.11 17.45
CA GLU B 105 -1.07 25.42 16.00
C GLU B 105 -0.83 24.14 15.16
N VAL B 106 0.01 23.24 15.66
CA VAL B 106 0.23 21.97 14.98
C VAL B 106 -1.02 21.09 15.02
N MET B 107 -1.69 21.00 16.16
N MET B 107 -1.65 20.96 16.20
CA MET B 107 -2.91 20.23 16.22
CA MET B 107 -2.89 20.19 16.30
C MET B 107 -3.98 20.77 15.31
C MET B 107 -3.97 20.76 15.37
N ASP B 108 -4.07 22.09 15.26
CA ASP B 108 -5.11 22.71 14.44
C ASP B 108 -4.94 22.31 12.97
N VAL B 109 -3.73 22.40 12.44
CA VAL B 109 -3.57 22.12 11.01
C VAL B 109 -3.55 20.62 10.76
N ASN B 110 -2.78 19.89 11.56
CA ASN B 110 -2.45 18.52 11.22
C ASN B 110 -3.52 17.54 11.59
N LEU B 111 -4.35 17.84 12.59
CA LEU B 111 -5.29 16.86 13.10
C LEU B 111 -6.73 17.40 13.10
N LYS B 112 -6.99 18.52 13.77
CA LYS B 112 -8.36 19.04 13.80
C LYS B 112 -8.86 19.43 12.41
N ALA B 113 -8.06 20.20 11.68
CA ALA B 113 -8.48 20.58 10.33
C ALA B 113 -8.62 19.36 9.45
N LEU B 114 -7.77 18.34 9.64
CA LEU B 114 -7.86 17.13 8.82
C LEU B 114 -9.21 16.48 9.11
N PHE B 115 -9.62 16.37 10.38
CA PHE B 115 -10.92 15.76 10.69
C PHE B 115 -12.07 16.58 10.11
N PHE B 116 -12.11 17.87 10.37
CA PHE B 116 -13.27 18.65 9.92
C PHE B 116 -13.36 18.84 8.42
N THR B 117 -12.23 18.87 7.74
CA THR B 117 -12.22 18.90 6.28
C THR B 117 -12.76 17.59 5.74
N THR B 118 -12.29 16.48 6.31
CA THR B 118 -12.82 15.17 5.89
C THR B 118 -14.30 15.05 6.20
N GLN B 119 -14.75 15.54 7.33
CA GLN B 119 -16.16 15.51 7.68
C GLN B 119 -17.01 16.22 6.64
N ALA B 120 -16.62 17.41 6.22
CA ALA B 120 -17.39 18.15 5.23
C ALA B 120 -17.37 17.43 3.88
N PHE B 121 -16.22 16.91 3.48
CA PHE B 121 -16.14 16.15 2.22
C PHE B 121 -17.06 14.95 2.22
N ALA B 122 -17.01 14.18 3.29
CA ALA B 122 -17.86 12.98 3.39
C ALA B 122 -19.33 13.32 3.53
N LYS B 123 -19.68 14.44 4.20
CA LYS B 123 -21.08 14.79 4.38
C LYS B 123 -21.71 14.87 3.01
N GLU B 124 -20.99 15.52 2.08
CA GLU B 124 -21.55 15.69 0.75
C GLU B 124 -21.72 14.37 0.01
N LEU B 125 -20.74 13.48 0.12
CA LEU B 125 -20.86 12.17 -0.51
C LEU B 125 -21.97 11.34 0.10
N LEU B 126 -22.01 11.29 1.42
CA LEU B 126 -22.99 10.46 2.10
C LEU B 126 -24.40 10.97 1.82
N ALA B 127 -24.59 12.29 1.74
CA ALA B 127 -25.91 12.84 1.54
C ALA B 127 -26.45 12.43 0.18
N LYS B 128 -25.57 12.23 -0.78
CA LYS B 128 -25.96 11.96 -2.17
C LYS B 128 -25.82 10.51 -2.57
N GLY B 129 -25.29 9.67 -1.70
CA GLY B 129 -25.07 8.28 -2.05
C GLY B 129 -23.87 8.04 -2.96
N ARG B 130 -22.92 8.96 -2.96
CA ARG B 130 -21.77 8.85 -3.87
C ARG B 130 -20.57 8.21 -3.23
N SER B 131 -19.83 7.43 -4.01
CA SER B 131 -18.56 6.86 -3.55
C SER B 131 -17.43 7.89 -3.58
N GLY B 132 -16.37 7.65 -2.83
CA GLY B 132 -15.24 8.55 -2.87
C GLY B 132 -14.05 7.98 -2.16
N LYS B 133 -13.00 8.79 -2.12
CA LYS B 133 -11.69 8.35 -1.60
C LYS B 133 -11.09 9.45 -0.76
N VAL B 134 -10.50 9.08 0.39
CA VAL B 134 -9.73 9.97 1.23
C VAL B 134 -8.35 9.41 1.39
N VAL B 135 -7.32 10.24 1.17
CA VAL B 135 -5.94 9.81 1.41
C VAL B 135 -5.38 10.80 2.39
N ASN B 136 -5.02 10.36 3.60
CA ASN B 136 -4.41 11.20 4.63
C ASN B 136 -2.92 11.04 4.57
N ILE B 137 -2.19 12.15 4.70
CA ILE B 137 -0.72 12.06 4.77
C ILE B 137 -0.31 11.96 6.24
N ALA B 138 0.19 10.77 6.61
CA ALA B 138 0.62 10.46 7.96
C ALA B 138 2.13 10.73 8.03
N SER B 139 2.91 9.86 8.69
CA SER B 139 4.36 10.08 8.90
C SER B 139 4.93 8.81 9.49
N LEU B 140 6.26 8.67 9.46
CA LEU B 140 6.91 7.68 10.32
C LEU B 140 6.52 7.92 11.78
N LEU B 141 6.25 9.16 12.14
CA LEU B 141 5.88 9.51 13.50
C LEU B 141 4.39 9.27 13.78
N SER B 142 3.72 8.50 12.90
CA SER B 142 2.49 7.79 13.27
C SER B 142 2.79 6.44 13.90
N PHE B 143 4.03 5.97 13.79
CA PHE B 143 4.45 4.63 14.27
C PHE B 143 5.52 4.69 15.35
N GLN B 144 6.54 5.53 15.13
CA GLN B 144 7.60 5.76 16.12
C GLN B 144 7.41 7.12 16.77
N GLY B 145 8.25 7.45 17.74
CA GLY B 145 8.03 8.65 18.54
C GLY B 145 8.74 9.90 18.05
N GLY B 146 9.96 9.77 17.54
CA GLY B 146 10.78 10.98 17.31
C GLY B 146 11.11 11.68 18.63
N ILE B 147 11.71 12.87 18.58
CA ILE B 147 12.00 13.62 19.78
C ILE B 147 11.71 15.10 19.47
N ARG B 148 11.37 15.87 20.50
CA ARG B 148 11.26 17.35 20.40
C ARG B 148 10.14 17.84 19.52
N VAL B 149 9.24 16.93 19.12
CA VAL B 149 8.10 17.31 18.27
C VAL B 149 6.81 16.70 18.83
N PRO B 150 6.53 16.92 20.12
CA PRO B 150 5.39 16.18 20.72
C PRO B 150 4.05 16.43 20.03
N SER B 151 3.74 17.66 19.65
CA SER B 151 2.45 17.87 18.99
C SER B 151 2.42 17.22 17.61
N TYR B 152 3.53 17.12 16.91
CA TYR B 152 3.54 16.50 15.59
C TYR B 152 3.34 15.00 15.72
N THR B 153 4.09 14.32 16.59
CA THR B 153 3.91 12.86 16.80
C THR B 153 2.52 12.55 17.28
N ALA B 154 2.00 13.35 18.23
CA ALA B 154 0.64 13.11 18.70
C ALA B 154 -0.35 13.31 17.57
N ALA B 155 -0.21 14.35 16.77
CA ALA B 155 -1.13 14.62 15.69
C ALA B 155 -1.03 13.51 14.64
N LYS B 156 0.20 13.08 14.26
CA LYS B 156 0.30 12.08 13.20
C LYS B 156 -0.15 10.70 13.67
N HIS B 157 0.04 10.36 14.93
CA HIS B 157 -0.63 9.17 15.49
C HIS B 157 -2.13 9.37 15.41
N GLY B 158 -2.64 10.55 15.77
CA GLY B 158 -4.06 10.82 15.65
C GLY B 158 -4.58 10.64 14.24
N VAL B 159 -3.81 11.03 13.22
CA VAL B 159 -4.22 10.87 11.82
C VAL B 159 -4.38 9.40 11.48
N ALA B 160 -3.44 8.55 11.91
CA ALA B 160 -3.61 7.14 11.71
C ALA B 160 -4.88 6.62 12.39
N GLY B 161 -5.16 7.08 13.62
CA GLY B 161 -6.38 6.67 14.29
C GLY B 161 -7.64 7.08 13.54
N LEU B 162 -7.71 8.32 13.06
CA LEU B 162 -8.87 8.75 12.29
C LEU B 162 -8.99 7.95 11.03
N THR B 163 -7.86 7.60 10.38
CA THR B 163 -7.95 6.82 9.15
C THR B 163 -8.68 5.51 9.44
N LYS B 164 -8.32 4.83 10.54
CA LYS B 164 -8.96 3.58 10.93
C LYS B 164 -10.43 3.76 11.30
N LEU B 165 -10.74 4.76 12.14
CA LEU B 165 -12.13 4.93 12.58
C LEU B 165 -13.03 5.30 11.42
N LEU B 166 -12.58 6.21 10.56
CA LEU B 166 -13.45 6.66 9.49
C LEU B 166 -13.65 5.54 8.46
N ALA B 167 -12.63 4.74 8.21
CA ALA B 167 -12.82 3.55 7.38
C ALA B 167 -13.85 2.60 8.04
N ASN B 168 -13.78 2.37 9.35
N ASN B 168 -13.65 2.41 9.34
CA ASN B 168 -14.79 1.48 9.95
CA ASN B 168 -14.56 1.54 10.07
C ASN B 168 -16.19 2.02 9.73
C ASN B 168 -16.03 1.98 9.89
N GLU B 169 -16.30 3.30 9.88
CA GLU B 169 -17.63 3.88 9.87
C GLU B 169 -18.18 4.03 8.47
N TRP B 170 -17.33 4.26 7.46
CA TRP B 170 -17.80 4.64 6.12
C TRP B 170 -17.46 3.64 5.03
N ALA B 171 -16.65 2.61 5.30
CA ALA B 171 -16.29 1.68 4.21
C ALA B 171 -17.52 1.12 3.49
N ALA B 172 -18.55 0.75 4.25
CA ALA B 172 -19.73 0.14 3.60
C ALA B 172 -20.52 1.15 2.79
N LYS B 173 -20.24 2.44 2.93
CA LYS B 173 -20.91 3.48 2.15
C LYS B 173 -20.07 3.86 0.96
N GLY B 174 -19.01 3.13 0.68
CA GLY B 174 -18.23 3.37 -0.53
C GLY B 174 -17.23 4.51 -0.44
N ILE B 175 -16.89 4.92 0.79
CA ILE B 175 -15.82 5.91 0.96
C ILE B 175 -14.59 5.21 1.52
N ASN B 176 -13.56 5.07 0.71
CA ASN B 176 -12.29 4.45 1.17
C ASN B 176 -11.49 5.48 1.88
N VAL B 177 -11.07 5.22 3.11
CA VAL B 177 -10.23 6.14 3.87
C VAL B 177 -8.93 5.41 4.17
N ASN B 178 -7.81 5.91 3.62
CA ASN B 178 -6.50 5.30 3.82
C ASN B 178 -5.51 6.40 4.07
N ALA B 179 -4.28 6.00 4.42
CA ALA B 179 -3.19 6.95 4.63
C ALA B 179 -1.91 6.49 3.97
N ILE B 180 -1.06 7.47 3.67
CA ILE B 180 0.33 7.21 3.27
C ILE B 180 1.18 7.76 4.36
N ALA B 181 2.12 6.96 4.86
CA ALA B 181 3.15 7.43 5.80
C ALA B 181 4.45 7.59 5.01
N PRO B 182 4.77 8.80 4.57
CA PRO B 182 6.07 8.99 3.91
C PRO B 182 7.17 8.78 4.95
N GLY B 183 8.33 8.35 4.46
CA GLY B 183 9.55 8.32 5.27
C GLY B 183 10.25 9.66 5.22
N TYR B 184 11.46 9.72 4.73
CA TYR B 184 12.20 10.97 4.58
C TYR B 184 12.19 11.31 3.12
N ILE B 185 11.45 12.36 2.72
CA ILE B 185 11.28 12.71 1.31
C ILE B 185 11.86 14.11 1.07
N GLU B 186 12.47 14.27 -0.09
CA GLU B 186 13.03 15.58 -0.48
C GLU B 186 11.92 16.59 -0.80
N THR B 187 11.76 17.59 0.05
CA THR B 187 10.88 18.73 -0.23
C THR B 187 11.59 19.95 0.29
N ASN B 188 11.05 21.14 0.04
CA ASN B 188 11.70 22.33 0.58
C ASN B 188 11.78 22.28 2.07
N ASN B 189 10.79 21.73 2.73
CA ASN B 189 10.79 21.66 4.18
C ASN B 189 11.78 20.64 4.78
N THR B 190 12.39 19.78 3.97
CA THR B 190 13.36 18.89 4.53
C THR B 190 14.80 19.27 4.13
N GLU B 191 14.95 20.38 3.40
CA GLU B 191 16.30 20.79 2.97
C GLU B 191 17.19 21.02 4.18
N ALA B 192 16.66 21.52 5.30
CA ALA B 192 17.53 21.79 6.43
C ALA B 192 18.10 20.52 7.04
N LEU B 193 17.39 19.39 6.94
CA LEU B 193 17.93 18.14 7.44
C LEU B 193 19.01 17.61 6.52
N ARG B 194 18.76 17.73 5.22
CA ARG B 194 19.74 17.28 4.23
C ARG B 194 21.03 18.11 4.28
N ALA B 195 20.91 19.38 4.70
CA ALA B 195 22.02 20.30 4.80
C ALA B 195 22.86 20.10 6.05
N ASP B 196 22.37 19.33 7.01
CA ASP B 196 23.08 19.09 8.25
C ASP B 196 23.78 17.74 8.08
N ALA B 197 25.08 17.73 7.92
CA ALA B 197 25.76 16.52 7.50
C ALA B 197 25.55 15.40 8.48
N ALA B 198 25.63 15.70 9.79
CA ALA B 198 25.50 14.61 10.75
C ALA B 198 24.08 14.08 10.79
N ARG B 199 23.09 14.97 10.71
CA ARG B 199 21.71 14.52 10.74
C ARG B 199 21.40 13.72 9.49
N ASN B 200 21.86 14.21 8.35
CA ASN B 200 21.60 13.52 7.09
C ASN B 200 22.24 12.14 7.10
N LYS B 201 23.46 11.99 7.61
CA LYS B 201 24.11 10.70 7.68
C LYS B 201 23.32 9.74 8.58
N ALA B 202 22.87 10.22 9.73
CA ALA B 202 22.12 9.37 10.63
C ALA B 202 20.80 8.92 10.01
N ILE B 203 20.13 9.80 9.29
CA ILE B 203 18.90 9.44 8.57
C ILE B 203 19.21 8.36 7.52
N LEU B 204 20.20 8.63 6.66
CA LEU B 204 20.50 7.68 5.59
C LEU B 204 20.89 6.31 6.11
N GLU B 205 21.57 6.23 7.26
CA GLU B 205 21.96 4.94 7.81
C GLU B 205 20.77 4.09 8.22
N ARG B 206 19.64 4.72 8.46
CA ARG B 206 18.42 4.01 8.84
C ARG B 206 17.47 3.79 7.70
N ILE B 207 17.84 4.14 6.48
CA ILE B 207 17.04 3.89 5.26
C ILE B 207 17.69 2.76 4.45
N PRO B 208 17.10 1.57 4.45
CA PRO B 208 17.68 0.48 3.61
C PRO B 208 17.94 0.83 2.16
N ALA B 209 17.03 1.59 1.53
CA ALA B 209 17.23 1.98 0.13
C ALA B 209 18.45 2.86 -0.05
N GLY B 210 18.94 3.52 1.02
CA GLY B 210 20.19 4.29 0.90
C GLY B 210 20.01 5.66 0.33
N ARG B 211 18.78 6.15 0.20
CA ARG B 211 18.51 7.47 -0.42
C ARG B 211 17.27 8.03 0.22
N TRP B 212 17.13 9.34 0.19
CA TRP B 212 15.85 10.02 0.44
C TRP B 212 14.89 9.71 -0.67
N GLY B 213 13.61 9.69 -0.33
CA GLY B 213 12.54 9.56 -1.32
C GLY B 213 12.33 10.83 -2.12
N HIS B 214 11.56 10.70 -3.18
N HIS B 214 11.63 10.67 -3.23
CA HIS B 214 11.16 11.85 -3.99
CA HIS B 214 11.21 11.78 -4.10
C HIS B 214 9.67 12.07 -3.82
C HIS B 214 9.73 12.04 -3.91
N SER B 215 9.24 13.31 -4.01
N SER B 215 9.33 13.30 -4.06
CA SER B 215 7.85 13.63 -3.85
CA SER B 215 7.95 13.64 -3.88
C SER B 215 6.98 12.82 -4.82
C SER B 215 7.02 12.83 -4.80
N GLU B 216 7.49 12.52 -6.01
CA GLU B 216 6.75 11.69 -6.94
C GLU B 216 6.48 10.27 -6.42
N ASP B 217 7.32 9.79 -5.47
CA ASP B 217 7.09 8.46 -4.89
C ASP B 217 5.81 8.50 -4.06
N ILE B 218 5.56 9.61 -3.40
CA ILE B 218 4.34 9.76 -2.64
C ILE B 218 3.15 9.93 -3.56
N ALA B 219 3.33 10.66 -4.66
CA ALA B 219 2.25 10.86 -5.62
C ALA B 219 1.77 9.54 -6.22
N GLY B 220 2.66 8.61 -6.51
CA GLY B 220 2.28 7.34 -7.07
C GLY B 220 1.36 6.56 -6.12
N ALA B 221 1.70 6.54 -4.84
CA ALA B 221 0.90 5.85 -3.86
C ALA B 221 -0.48 6.55 -3.72
N ALA B 222 -0.51 7.88 -3.82
CA ALA B 222 -1.80 8.60 -3.69
C ALA B 222 -2.69 8.28 -4.88
N VAL B 223 -2.15 8.14 -6.09
CA VAL B 223 -2.97 7.76 -7.25
C VAL B 223 -3.51 6.34 -7.04
N PHE B 224 -2.65 5.42 -6.64
CA PHE B 224 -3.08 4.06 -6.35
C PHE B 224 -4.25 4.04 -5.34
N LEU B 225 -4.07 4.67 -4.19
CA LEU B 225 -5.10 4.60 -3.14
C LEU B 225 -6.36 5.36 -3.49
N SER B 226 -6.30 6.21 -4.51
CA SER B 226 -7.47 6.97 -4.98
C SER B 226 -8.16 6.27 -6.13
N SER B 227 -7.70 5.09 -6.54
CA SER B 227 -8.16 4.47 -7.77
C SER B 227 -8.97 3.17 -7.49
N ALA B 228 -9.56 2.62 -8.55
CA ALA B 228 -10.26 1.34 -8.47
C ALA B 228 -9.32 0.18 -8.17
N ALA B 229 -8.01 0.36 -8.44
CA ALA B 229 -7.03 -0.67 -8.07
C ALA B 229 -6.95 -0.90 -6.57
N ALA B 230 -7.50 0.01 -5.77
CA ALA B 230 -7.46 -0.08 -4.31
C ALA B 230 -8.87 -0.09 -3.71
N ASP B 231 -9.87 -0.58 -4.45
CA ASP B 231 -11.24 -0.52 -3.94
C ASP B 231 -11.52 -1.31 -2.64
N TYR B 232 -10.75 -2.37 -2.36
CA TYR B 232 -10.99 -3.13 -1.12
C TYR B 232 -9.98 -2.70 -0.03
N VAL B 233 -9.19 -1.64 -0.30
CA VAL B 233 -8.21 -1.16 0.69
C VAL B 233 -8.95 -0.12 1.52
N HIS B 234 -9.09 -0.39 2.82
CA HIS B 234 -9.83 0.52 3.73
C HIS B 234 -9.11 0.55 5.07
N GLY B 235 -8.80 1.74 5.56
CA GLY B 235 -8.21 1.89 6.90
C GLY B 235 -6.74 1.55 6.90
N ALA B 236 -6.07 1.43 5.75
CA ALA B 236 -4.66 1.04 5.70
C ALA B 236 -3.77 2.25 5.82
N ILE B 237 -2.60 2.05 6.42
CA ILE B 237 -1.56 3.06 6.51
C ILE B 237 -0.36 2.49 5.74
N LEU B 238 -0.13 2.96 4.52
CA LEU B 238 0.92 2.45 3.65
C LEU B 238 2.20 3.29 3.84
N ASN B 239 3.22 2.65 4.42
CA ASN B 239 4.49 3.36 4.55
C ASN B 239 5.28 3.34 3.24
N VAL B 240 5.70 4.56 2.81
CA VAL B 240 6.50 4.75 1.59
C VAL B 240 7.81 5.37 2.05
N ASP B 241 8.76 4.51 2.46
CA ASP B 241 9.79 4.93 3.40
C ASP B 241 11.16 4.36 3.13
N GLY B 242 11.38 3.76 1.97
CA GLY B 242 12.72 3.26 1.70
C GLY B 242 13.16 2.12 2.55
N GLY B 243 12.22 1.52 3.29
CA GLY B 243 12.57 0.48 4.25
C GLY B 243 12.68 0.89 5.71
N TRP B 244 12.47 2.18 6.00
CA TRP B 244 12.74 2.68 7.35
C TRP B 244 12.10 1.81 8.44
N LEU B 245 10.79 1.59 8.35
CA LEU B 245 10.11 0.88 9.43
C LEU B 245 10.51 -0.60 9.53
N ALA B 246 11.06 -1.16 8.47
CA ALA B 246 11.53 -2.53 8.51
C ALA B 246 12.86 -2.65 9.22
N ARG B 247 13.59 -1.54 9.38
CA ARG B 247 14.99 -1.57 9.78
C ARG B 247 15.26 -1.27 11.25
#